data_6HHG
#
_entry.id   6HHG
#
_cell.length_a   70.820
_cell.length_b   71.230
_cell.length_c   91.240
_cell.angle_alpha   90.00
_cell.angle_beta   90.00
_cell.angle_gamma   90.00
#
_symmetry.space_group_name_H-M   'P 21 21 21'
#
loop_
_entity.id
_entity.type
_entity.pdbx_description
1 polymer 'RAC-alpha serine/threonine-protein kinase'
2 non-polymer ~{N}-[2-chloranyl-5-[[1-[[4-(5-oxidanylidene-3-phenyl-6~{H}-1,6-naphthyridin-2-yl)phenyl]methyl]piperidin-4-yl]carbamoylamino]phenyl]propanamide
3 water water
#
_entity_poly.entity_id   1
_entity_poly.type   'polypeptide(L)'
_entity_poly.pdbx_seq_one_letter_code
;GSDVAIVKEGWLHKRGEYIKTWRPRYFLLKNDGTFIGYKERPQDVDQREAPLNNFSVAQCQLMKTERPRPNTFIIRCLQW
TTVIERTFHVETPEEREEWTTAIQTVADGLKKQAAAEMDFRSGSPSDNSGAEEMEVSLAKPKHRVTMNEFEYLKLLGKGT
FGKVILVKEKATGRYYAMKILKKEVIVAKDEVAHTLTENRVLQNSRHPFLTALKYSFQTHDRLCFVMEYANGGELFFHLS
RERVFSEDRARFYGAEIVSALDYLHSEKNVVYRDLKLENLMLDKDGHIKITDFGLCKEGIKDGATMKTFCGTPEYLAPEV
LEDNDYGRAVDWWGLGVVMYEMMCGRLPFYNQDHEKLFELILMEEIRFPRTLGPEAKSLLSGLLKKDPKQRLGGGSEDAK
EIMQHRFFAGIVWQHVYEKKLSPPFKPQVTSETDTRYFDEEFTAQM
;
_entity_poly.pdbx_strand_id   A
#
loop_
_chem_comp.id
_chem_comp.type
_chem_comp.name
_chem_comp.formula
G4T non-polymer ~{N}-[2-chloranyl-5-[[1-[[4-(5-oxidanylidene-3-phenyl-6~{H}-1,6-naphthyridin-2-yl)phenyl]methyl]piperidin-4-yl]carbamoylamino]phenyl]propanamide 'C36 H35 Cl N6 O3'
#
# COMPACT_ATOMS: atom_id res chain seq x y z
N ASP A 3 3.27 -16.93 25.09
CA ASP A 3 3.49 -18.10 24.25
C ASP A 3 4.29 -17.74 23.00
N VAL A 4 4.25 -16.46 22.63
CA VAL A 4 4.99 -15.98 21.47
C VAL A 4 6.48 -15.84 21.79
N ALA A 5 7.31 -16.59 21.06
CA ALA A 5 8.76 -16.57 21.28
C ALA A 5 9.54 -16.62 19.98
N ILE A 6 10.83 -16.29 20.07
CA ILE A 6 11.71 -16.31 18.90
C ILE A 6 12.16 -17.72 18.57
N VAL A 7 11.95 -18.13 17.32
CA VAL A 7 12.36 -19.44 16.85
C VAL A 7 13.81 -19.41 16.39
N LYS A 8 14.16 -18.39 15.62
CA LYS A 8 15.51 -18.24 15.10
C LYS A 8 15.82 -16.78 14.78
N GLU A 9 17.01 -16.34 15.13
CA GLU A 9 17.44 -14.97 14.85
C GLU A 9 18.89 -14.92 14.40
N GLY A 10 19.20 -13.95 13.56
CA GLY A 10 20.56 -13.79 13.04
C GLY A 10 20.62 -12.79 11.90
N TRP A 11 21.82 -12.53 11.40
CA TRP A 11 22.01 -11.58 10.31
C TRP A 11 21.72 -12.18 8.95
N LEU A 12 21.08 -11.39 8.09
CA LEU A 12 20.76 -11.81 6.73
C LEU A 12 21.04 -10.69 5.74
N HIS A 13 21.22 -11.06 4.47
CA HIS A 13 21.32 -10.07 3.40
C HIS A 13 19.99 -9.98 2.66
N LYS A 14 19.27 -8.89 2.88
CA LYS A 14 17.98 -8.68 2.24
C LYS A 14 18.12 -7.76 1.03
N ARG A 15 17.52 -8.16 -0.09
CA ARG A 15 17.52 -7.31 -1.27
C ARG A 15 16.53 -6.18 -1.06
N GLY A 16 16.99 -4.95 -1.26
CA GLY A 16 16.18 -3.77 -1.04
C GLY A 16 14.89 -3.80 -1.84
N GLU A 17 13.82 -3.28 -1.23
CA GLU A 17 12.50 -3.39 -1.83
C GLU A 17 12.24 -2.33 -2.90
N TYR A 18 13.01 -1.24 -2.86
CA TYR A 18 12.83 -0.18 -3.85
C TYR A 18 14.14 0.21 -4.52
N ILE A 19 15.24 0.15 -3.77
CA ILE A 19 16.55 0.20 -4.39
C ILE A 19 17.14 -1.20 -4.27
N LYS A 20 17.56 -1.76 -5.40
CA LYS A 20 17.81 -3.20 -5.52
C LYS A 20 19.12 -3.70 -4.89
N THR A 21 19.80 -2.84 -4.13
CA THR A 21 21.05 -3.24 -3.49
C THR A 21 20.80 -4.19 -2.32
N TRP A 22 21.80 -4.99 -1.99
CA TRP A 22 21.70 -5.90 -0.84
C TRP A 22 21.99 -5.15 0.45
N ARG A 23 21.23 -5.44 1.50
CA ARG A 23 21.40 -4.77 2.78
C ARG A 23 21.50 -5.75 3.95
N PRO A 24 22.50 -5.54 4.82
CA PRO A 24 22.66 -6.32 6.05
C PRO A 24 21.57 -6.00 7.07
N ARG A 25 20.75 -7.00 7.39
CA ARG A 25 19.66 -6.81 8.35
C ARG A 25 19.59 -7.95 9.35
N TYR A 26 19.27 -7.62 10.60
CA TYR A 26 19.12 -8.64 11.63
C TYR A 26 17.67 -9.08 11.72
N PHE A 27 17.39 -10.32 11.35
CA PHE A 27 16.03 -10.81 11.26
C PHE A 27 15.62 -11.65 12.47
N LEU A 28 14.36 -11.48 12.89
CA LEU A 28 13.81 -12.25 13.99
C LEU A 28 12.65 -13.11 13.52
N LEU A 29 12.81 -14.43 13.63
CA LEU A 29 11.74 -15.35 13.29
C LEU A 29 11.02 -15.81 14.55
N LYS A 30 9.72 -15.56 14.61
CA LYS A 30 8.94 -15.90 15.80
C LYS A 30 7.91 -16.99 15.51
N ASN A 31 7.43 -17.63 16.56
CA ASN A 31 6.51 -18.77 16.42
C ASN A 31 5.09 -18.36 16.05
N ASP A 32 4.84 -17.05 16.01
CA ASP A 32 3.54 -16.55 15.59
C ASP A 32 3.51 -16.28 14.10
N GLY A 33 4.66 -16.46 13.46
CA GLY A 33 4.76 -16.37 12.01
C GLY A 33 5.43 -15.12 11.47
N THR A 34 5.70 -14.17 12.35
CA THR A 34 6.32 -12.91 11.93
C THR A 34 7.79 -13.10 11.59
N PHE A 35 8.20 -12.51 10.47
CA PHE A 35 9.59 -12.55 10.03
C PHE A 35 10.06 -11.14 9.71
N ILE A 36 10.64 -10.48 10.71
CA ILE A 36 10.96 -9.06 10.61
C ILE A 36 12.47 -8.82 10.70
N GLY A 37 12.98 -7.94 9.85
CA GLY A 37 14.39 -7.57 9.86
C GLY A 37 14.62 -6.18 10.41
N TYR A 38 15.77 -5.98 11.04
CA TYR A 38 16.11 -4.70 11.64
C TYR A 38 17.51 -4.25 11.21
N LYS A 39 17.72 -2.93 11.16
CA LYS A 39 19.04 -2.39 10.84
C LYS A 39 20.02 -2.76 11.94
N GLU A 40 19.55 -2.75 13.17
CA GLU A 40 20.35 -3.18 14.33
C GLU A 40 19.53 -4.12 15.20
N ARG A 41 20.22 -5.02 15.91
CA ARG A 41 19.55 -5.96 16.80
C ARG A 41 18.79 -5.22 17.90
N PRO A 42 17.46 -5.36 17.90
CA PRO A 42 16.59 -4.64 18.84
C PRO A 42 16.73 -5.14 20.28
N GLN A 43 16.66 -4.23 21.23
CA GLN A 43 16.73 -4.58 22.64
C GLN A 43 15.39 -5.15 23.12
N ASP A 44 14.30 -4.59 22.58
CA ASP A 44 12.95 -5.04 22.89
C ASP A 44 12.66 -5.01 24.38
N GLU A 49 1.33 -3.86 19.47
CA GLU A 49 1.75 -5.19 19.89
C GLU A 49 1.24 -6.27 18.95
N ALA A 50 0.05 -6.04 18.40
CA ALA A 50 -0.56 -7.00 17.47
C ALA A 50 0.31 -7.18 16.22
N PRO A 51 0.56 -8.45 15.85
CA PRO A 51 1.42 -8.78 14.71
C PRO A 51 0.83 -8.33 13.38
N LEU A 52 1.68 -7.82 12.49
CA LEU A 52 1.24 -7.41 11.17
C LEU A 52 1.44 -8.54 10.16
N ASN A 53 0.42 -8.77 9.34
CA ASN A 53 0.46 -9.86 8.36
C ASN A 53 1.41 -9.60 7.21
N ASN A 54 1.93 -8.37 7.13
CA ASN A 54 2.87 -8.01 6.09
C ASN A 54 4.15 -8.83 6.16
N PHE A 55 4.52 -9.23 7.37
CA PHE A 55 5.77 -9.95 7.60
C PHE A 55 5.53 -11.42 7.96
N SER A 56 4.29 -11.86 7.82
CA SER A 56 3.93 -13.24 8.15
C SER A 56 4.44 -14.20 7.09
N VAL A 57 4.92 -15.37 7.53
CA VAL A 57 5.38 -16.40 6.61
C VAL A 57 4.34 -17.49 6.45
N ALA A 58 3.18 -17.28 7.05
CA ALA A 58 2.07 -18.23 6.92
C ALA A 58 1.54 -18.23 5.50
N GLN A 59 1.21 -19.42 5.00
CA GLN A 59 0.73 -19.61 3.64
C GLN A 59 1.72 -19.05 2.61
N CYS A 60 3.00 -19.35 2.82
CA CYS A 60 4.04 -18.91 1.90
C CYS A 60 4.85 -20.11 1.38
N GLN A 61 5.50 -19.93 0.23
CA GLN A 61 6.36 -20.97 -0.31
C GLN A 61 7.81 -20.49 -0.38
N LEU A 62 8.73 -21.36 0.01
CA LEU A 62 10.15 -21.02 0.00
C LEU A 62 10.87 -21.62 -1.19
N MET A 63 11.73 -20.83 -1.81
CA MET A 63 12.48 -21.27 -2.98
C MET A 63 13.97 -21.01 -2.78
N LYS A 64 14.79 -21.97 -3.20
CA LYS A 64 16.25 -21.81 -3.12
C LYS A 64 16.82 -21.54 -4.51
N THR A 65 17.49 -20.40 -4.67
CA THR A 65 18.01 -20.00 -5.96
C THR A 65 19.50 -19.70 -5.90
N GLU A 66 20.17 -19.81 -7.04
CA GLU A 66 21.58 -19.44 -7.14
C GLU A 66 21.73 -18.20 -8.01
N ARG A 67 20.60 -17.65 -8.44
CA ARG A 67 20.58 -16.44 -9.25
C ARG A 67 19.67 -15.39 -8.62
N PRO A 68 20.06 -14.09 -8.71
CA PRO A 68 21.28 -13.60 -9.36
C PRO A 68 22.52 -13.77 -8.48
N ARG A 69 22.33 -14.30 -7.28
CA ARG A 69 23.43 -14.53 -6.35
C ARG A 69 23.29 -15.90 -5.69
N PRO A 70 24.41 -16.65 -5.61
CA PRO A 70 24.40 -17.96 -4.95
C PRO A 70 23.95 -17.90 -3.49
N ASN A 71 23.45 -19.01 -2.97
CA ASN A 71 22.92 -19.10 -1.61
C ASN A 71 21.82 -18.07 -1.34
N THR A 72 20.89 -17.96 -2.28
CA THR A 72 19.76 -17.07 -2.16
C THR A 72 18.48 -17.86 -1.92
N PHE A 73 17.67 -17.42 -0.96
CA PHE A 73 16.35 -18.03 -0.78
C PHE A 73 15.25 -16.97 -0.79
N ILE A 74 14.12 -17.33 -1.39
CA ILE A 74 13.02 -16.39 -1.60
C ILE A 74 11.75 -16.85 -0.91
N ILE A 75 11.11 -15.93 -0.19
CA ILE A 75 9.81 -16.19 0.43
C ILE A 75 8.70 -15.56 -0.41
N ARG A 76 7.97 -16.39 -1.14
CA ARG A 76 6.88 -15.91 -1.98
C ARG A 76 5.54 -16.08 -1.26
N CYS A 77 4.81 -14.98 -1.11
CA CYS A 77 3.55 -14.99 -0.38
C CYS A 77 2.42 -14.35 -1.17
N LEU A 78 1.22 -14.90 -1.01
CA LEU A 78 0.02 -14.27 -1.56
C LEU A 78 -0.70 -13.50 -0.46
N GLN A 79 -0.56 -12.18 -0.48
CA GLN A 79 -1.23 -11.33 0.50
C GLN A 79 -2.45 -10.67 -0.13
N TRP A 80 -3.62 -11.05 0.36
CA TRP A 80 -4.90 -10.65 -0.21
C TRP A 80 -4.97 -11.00 -1.69
N THR A 81 -4.78 -10.00 -2.56
CA THR A 81 -4.84 -10.25 -4.00
C THR A 81 -3.52 -9.89 -4.69
N THR A 82 -2.44 -9.83 -3.92
CA THR A 82 -1.14 -9.46 -4.47
C THR A 82 -0.04 -10.44 -4.06
N VAL A 83 0.68 -10.95 -5.05
CA VAL A 83 1.80 -11.84 -4.80
C VAL A 83 3.08 -11.04 -4.56
N ILE A 84 3.71 -11.28 -3.42
CA ILE A 84 4.95 -10.59 -3.08
C ILE A 84 6.11 -11.57 -2.93
N GLU A 85 7.33 -11.06 -3.13
CA GLU A 85 8.52 -11.87 -2.96
C GLU A 85 9.55 -11.18 -2.08
N ARG A 86 10.01 -11.88 -1.06
CA ARG A 86 11.06 -11.36 -0.20
C ARG A 86 12.35 -12.16 -0.42
N THR A 87 13.35 -11.49 -0.98
CA THR A 87 14.58 -12.17 -1.39
C THR A 87 15.70 -11.97 -0.37
N PHE A 88 16.31 -13.07 0.04
CA PHE A 88 17.36 -13.03 1.05
C PHE A 88 18.60 -13.79 0.61
N HIS A 89 19.73 -13.47 1.23
CA HIS A 89 21.00 -14.11 0.91
C HIS A 89 21.81 -14.42 2.17
N VAL A 90 22.44 -15.58 2.19
CA VAL A 90 23.37 -15.96 3.26
C VAL A 90 24.73 -16.30 2.69
N GLU A 91 25.70 -16.54 3.56
CA GLU A 91 27.06 -16.82 3.12
C GLU A 91 27.25 -18.28 2.71
N THR A 92 26.75 -19.19 3.53
CA THR A 92 26.93 -20.62 3.27
C THR A 92 25.61 -21.32 2.99
N PRO A 93 25.65 -22.40 2.18
CA PRO A 93 24.45 -23.19 1.90
C PRO A 93 23.86 -23.80 3.17
N GLU A 94 24.71 -24.09 4.14
CA GLU A 94 24.27 -24.68 5.41
C GLU A 94 23.36 -23.71 6.16
N GLU A 95 23.71 -22.44 6.17
CA GLU A 95 22.90 -21.42 6.82
C GLU A 95 21.54 -21.27 6.14
N ARG A 96 21.54 -21.36 4.81
CA ARG A 96 20.31 -21.24 4.04
C ARG A 96 19.35 -22.37 4.39
N GLU A 97 19.88 -23.58 4.53
CA GLU A 97 19.06 -24.73 4.88
C GLU A 97 18.51 -24.60 6.30
N GLU A 98 19.31 -24.00 7.18
CA GLU A 98 18.88 -23.75 8.55
C GLU A 98 17.71 -22.78 8.59
N TRP A 99 17.81 -21.70 7.83
CA TRP A 99 16.76 -20.69 7.77
C TRP A 99 15.50 -21.22 7.11
N THR A 100 15.66 -21.85 5.95
CA THR A 100 14.50 -22.35 5.20
C THR A 100 13.74 -23.42 5.97
N THR A 101 14.46 -24.23 6.74
CA THR A 101 13.83 -25.26 7.56
C THR A 101 13.06 -24.61 8.71
N ALA A 102 13.69 -23.62 9.34
CA ALA A 102 13.07 -22.92 10.46
C ALA A 102 11.80 -22.20 10.03
N ILE A 103 11.87 -21.50 8.90
CA ILE A 103 10.74 -20.77 8.36
C ILE A 103 9.60 -21.73 7.98
N GLN A 104 9.97 -22.83 7.33
CA GLN A 104 8.99 -23.83 6.93
C GLN A 104 8.34 -24.48 8.15
N THR A 105 9.13 -24.71 9.18
CA THR A 105 8.63 -25.30 10.41
C THR A 105 7.59 -24.40 11.07
N VAL A 106 7.89 -23.10 11.09
CA VAL A 106 6.96 -22.11 11.65
C VAL A 106 5.68 -22.06 10.82
N ALA A 107 5.83 -22.08 9.51
CA ALA A 107 4.68 -22.04 8.61
C ALA A 107 3.79 -23.26 8.79
N ASP A 108 4.42 -24.42 9.00
CA ASP A 108 3.68 -25.65 9.24
C ASP A 108 2.91 -25.60 10.56
N GLY A 109 3.55 -25.02 11.58
CA GLY A 109 2.96 -24.93 12.90
C GLY A 109 1.78 -23.97 12.95
N LEU A 110 1.69 -23.08 11.98
CA LEU A 110 0.59 -22.11 11.92
C LEU A 110 -0.59 -22.67 11.13
N LYS A 111 -0.32 -23.63 10.26
CA LYS A 111 -1.37 -24.26 9.48
C LYS A 111 -2.25 -25.14 10.36
N LYS A 112 -1.78 -25.39 11.58
CA LYS A 112 -2.54 -26.19 12.55
C LYS A 112 -3.86 -25.52 12.90
N ARG A 144 -21.57 -20.53 -12.81
CA ARG A 144 -20.30 -20.04 -12.30
C ARG A 144 -19.73 -18.94 -13.20
N VAL A 145 -18.89 -18.08 -12.63
CA VAL A 145 -18.33 -16.94 -13.35
C VAL A 145 -17.13 -17.35 -14.21
N THR A 146 -17.21 -17.04 -15.50
CA THR A 146 -16.12 -17.35 -16.43
C THR A 146 -15.53 -16.08 -17.05
N MET A 147 -14.52 -16.27 -17.90
CA MET A 147 -13.87 -15.14 -18.56
C MET A 147 -14.74 -14.56 -19.66
N ASN A 148 -15.59 -15.39 -20.25
CA ASN A 148 -16.49 -14.96 -21.32
C ASN A 148 -17.58 -14.02 -20.81
N GLU A 149 -17.70 -13.93 -19.49
CA GLU A 149 -18.73 -13.12 -18.85
C GLU A 149 -18.32 -11.65 -18.75
N PHE A 150 -17.10 -11.34 -19.19
CA PHE A 150 -16.57 -9.98 -19.14
C PHE A 150 -16.07 -9.52 -20.50
N GLU A 151 -16.00 -8.22 -20.70
CA GLU A 151 -15.43 -7.66 -21.91
C GLU A 151 -14.14 -6.91 -21.63
N TYR A 152 -13.08 -7.27 -22.34
CA TYR A 152 -11.79 -6.57 -22.22
C TYR A 152 -11.93 -5.12 -22.65
N LEU A 153 -11.36 -4.22 -21.86
CA LEU A 153 -11.43 -2.79 -22.17
C LEU A 153 -10.05 -2.16 -22.30
N LYS A 154 -9.22 -2.33 -21.28
CA LYS A 154 -7.94 -1.63 -21.21
C LYS A 154 -6.97 -2.28 -20.23
N LEU A 155 -5.70 -2.37 -20.63
CA LEU A 155 -4.65 -2.85 -19.74
C LEU A 155 -4.33 -1.79 -18.68
N LEU A 156 -4.46 -2.16 -17.41
CA LEU A 156 -4.20 -1.23 -16.32
C LEU A 156 -2.75 -1.31 -15.85
N GLY A 157 -2.20 -2.52 -15.82
CA GLY A 157 -0.82 -2.71 -15.39
C GLY A 157 -0.31 -4.12 -15.61
N LYS A 158 1.00 -4.24 -15.78
CA LYS A 158 1.65 -5.53 -15.91
C LYS A 158 2.63 -5.76 -14.77
N GLY A 159 2.62 -6.97 -14.23
CA GLY A 159 3.49 -7.32 -13.13
C GLY A 159 4.32 -8.56 -13.44
N THR A 160 5.12 -8.98 -12.46
CA THR A 160 5.98 -10.14 -12.64
C THR A 160 5.17 -11.43 -12.74
N PHE A 161 4.09 -11.51 -11.96
CA PHE A 161 3.30 -12.72 -11.87
C PHE A 161 1.88 -12.54 -12.39
N GLY A 162 1.70 -11.61 -13.33
CA GLY A 162 0.39 -11.41 -13.93
C GLY A 162 0.12 -9.99 -14.39
N LYS A 163 -1.13 -9.70 -14.68
CA LYS A 163 -1.54 -8.39 -15.17
C LYS A 163 -2.88 -7.96 -14.60
N VAL A 164 -3.15 -6.65 -14.65
CA VAL A 164 -4.42 -6.11 -14.20
C VAL A 164 -5.15 -5.49 -15.39
N ILE A 165 -6.42 -5.86 -15.55
CA ILE A 165 -7.18 -5.44 -16.71
C ILE A 165 -8.51 -4.80 -16.31
N LEU A 166 -8.82 -3.66 -16.91
CA LEU A 166 -10.12 -3.04 -16.74
C LEU A 166 -11.15 -3.79 -17.58
N VAL A 167 -12.14 -4.39 -16.93
CA VAL A 167 -13.16 -5.14 -17.63
C VAL A 167 -14.56 -4.60 -17.35
N LYS A 168 -15.50 -4.97 -18.22
CA LYS A 168 -16.90 -4.62 -18.03
C LYS A 168 -17.75 -5.87 -18.10
N GLU A 169 -18.49 -6.17 -17.03
CA GLU A 169 -19.39 -7.30 -17.03
C GLU A 169 -20.52 -7.05 -18.03
N LYS A 170 -20.68 -7.95 -18.98
CA LYS A 170 -21.64 -7.78 -20.06
C LYS A 170 -23.08 -7.70 -19.57
N ALA A 171 -23.39 -8.47 -18.53
CA ALA A 171 -24.75 -8.55 -18.01
C ALA A 171 -25.19 -7.27 -17.31
N THR A 172 -24.33 -6.73 -16.46
CA THR A 172 -24.69 -5.59 -15.62
C THR A 172 -24.16 -4.26 -16.16
N GLY A 173 -23.05 -4.32 -16.89
CA GLY A 173 -22.46 -3.11 -17.43
C GLY A 173 -21.55 -2.41 -16.43
N ARG A 174 -21.34 -3.05 -15.29
CA ARG A 174 -20.48 -2.48 -14.25
C ARG A 174 -19.02 -2.53 -14.68
N TYR A 175 -18.20 -1.70 -14.05
CA TYR A 175 -16.77 -1.69 -14.32
C TYR A 175 -15.99 -2.42 -13.24
N TYR A 176 -15.00 -3.21 -13.66
CA TYR A 176 -14.19 -3.97 -12.74
C TYR A 176 -12.72 -4.00 -13.13
N ALA A 177 -11.85 -4.14 -12.14
CA ALA A 177 -10.44 -4.38 -12.38
C ALA A 177 -10.14 -5.85 -12.10
N MET A 178 -9.69 -6.56 -13.12
CA MET A 178 -9.43 -8.00 -12.99
C MET A 178 -7.93 -8.28 -12.86
N LYS A 179 -7.53 -8.79 -11.70
CA LYS A 179 -6.17 -9.23 -11.49
C LYS A 179 -6.00 -10.65 -11.98
N ILE A 180 -5.24 -10.84 -13.05
CA ILE A 180 -5.02 -12.17 -13.61
C ILE A 180 -3.62 -12.66 -13.27
N LEU A 181 -3.53 -13.51 -12.24
CA LEU A 181 -2.25 -13.99 -11.74
C LEU A 181 -1.94 -15.40 -12.22
N LYS A 182 -0.65 -15.70 -12.39
CA LYS A 182 -0.22 -17.04 -12.76
C LYS A 182 -0.54 -18.02 -11.64
N LYS A 183 -1.06 -19.18 -12.01
CA LYS A 183 -1.57 -20.15 -11.05
C LYS A 183 -0.46 -20.89 -10.32
N GLU A 184 0.67 -21.11 -11.00
CA GLU A 184 1.74 -21.93 -10.47
C GLU A 184 2.54 -21.23 -9.38
N VAL A 185 2.46 -19.90 -9.33
CA VAL A 185 3.20 -19.13 -8.33
C VAL A 185 2.39 -19.01 -7.03
N ILE A 186 1.17 -19.53 -7.06
CA ILE A 186 0.29 -19.49 -5.90
C ILE A 186 -0.09 -20.89 -5.44
N SER A 205 -15.27 -9.43 3.97
CA SER A 205 -14.41 -8.27 4.15
C SER A 205 -14.92 -7.08 3.35
N ARG A 206 -15.64 -6.18 4.02
CA ARG A 206 -16.21 -5.02 3.36
C ARG A 206 -16.00 -3.73 4.15
N HIS A 207 -15.50 -2.71 3.45
CA HIS A 207 -15.41 -1.37 4.01
C HIS A 207 -15.79 -0.37 2.92
N PRO A 208 -16.63 0.62 3.26
CA PRO A 208 -17.21 1.55 2.28
C PRO A 208 -16.17 2.35 1.48
N PHE A 209 -14.94 2.46 1.98
CA PHE A 209 -13.94 3.26 1.32
C PHE A 209 -12.80 2.42 0.76
N LEU A 210 -13.02 1.12 0.70
CA LEU A 210 -12.06 0.19 0.07
C LEU A 210 -12.70 -0.45 -1.15
N THR A 211 -11.91 -0.63 -2.21
CA THR A 211 -12.40 -1.32 -3.40
C THR A 211 -12.64 -2.79 -3.07
N ALA A 212 -13.90 -3.20 -3.17
CA ALA A 212 -14.30 -4.55 -2.76
C ALA A 212 -13.91 -5.62 -3.79
N LEU A 213 -13.45 -6.75 -3.28
CA LEU A 213 -13.21 -7.92 -4.12
C LEU A 213 -14.55 -8.59 -4.43
N LYS A 214 -14.98 -8.48 -5.69
CA LYS A 214 -16.31 -8.92 -6.09
C LYS A 214 -16.34 -10.44 -6.34
N TYR A 215 -15.59 -10.90 -7.34
CA TYR A 215 -15.54 -12.33 -7.65
C TYR A 215 -14.12 -12.88 -7.55
N SER A 216 -14.02 -14.19 -7.40
CA SER A 216 -12.74 -14.88 -7.50
C SER A 216 -12.95 -16.20 -8.22
N PHE A 217 -12.34 -16.32 -9.41
CA PHE A 217 -12.41 -17.56 -10.17
C PHE A 217 -11.04 -17.86 -10.77
N GLN A 218 -10.90 -19.04 -11.37
CA GLN A 218 -9.63 -19.44 -11.93
C GLN A 218 -9.80 -20.17 -13.27
N THR A 219 -8.80 -20.04 -14.13
CA THR A 219 -8.75 -20.81 -15.36
C THR A 219 -7.76 -21.95 -15.18
N HIS A 220 -7.31 -22.55 -16.28
CA HIS A 220 -6.43 -23.70 -16.21
C HIS A 220 -5.03 -23.32 -15.75
N ASP A 221 -4.64 -22.07 -15.98
CA ASP A 221 -3.30 -21.62 -15.64
C ASP A 221 -3.29 -20.21 -15.03
N ARG A 222 -4.47 -19.67 -14.77
CA ARG A 222 -4.56 -18.32 -14.20
C ARG A 222 -5.55 -18.25 -13.03
N LEU A 223 -5.21 -17.43 -12.04
CA LEU A 223 -6.11 -17.11 -10.95
C LEU A 223 -6.58 -15.67 -11.09
N CYS A 224 -7.88 -15.45 -11.00
CA CYS A 224 -8.44 -14.13 -11.28
C CYS A 224 -9.18 -13.52 -10.10
N PHE A 225 -8.79 -12.30 -9.74
CA PHE A 225 -9.48 -11.52 -8.72
C PHE A 225 -10.21 -10.34 -9.36
N VAL A 226 -11.51 -10.22 -9.07
CA VAL A 226 -12.32 -9.16 -9.68
C VAL A 226 -12.61 -8.03 -8.69
N MET A 227 -11.93 -6.90 -8.88
CA MET A 227 -12.11 -5.73 -8.03
C MET A 227 -13.23 -4.83 -8.53
N GLU A 228 -13.98 -4.22 -7.61
CA GLU A 228 -14.92 -3.18 -7.99
C GLU A 228 -14.15 -1.95 -8.45
N TYR A 229 -14.58 -1.35 -9.55
CA TYR A 229 -13.87 -0.21 -10.13
C TYR A 229 -14.70 1.06 -10.07
N ALA A 230 -14.22 2.05 -9.31
CA ALA A 230 -14.92 3.31 -9.15
C ALA A 230 -14.98 4.08 -10.47
N ASN A 231 -16.11 4.72 -10.73
CA ASN A 231 -16.30 5.44 -11.99
C ASN A 231 -16.46 6.95 -11.79
N GLY A 232 -16.04 7.44 -10.63
CA GLY A 232 -16.14 8.86 -10.34
C GLY A 232 -14.88 9.62 -10.70
N GLY A 233 -13.90 8.90 -11.25
CA GLY A 233 -12.68 9.53 -11.73
C GLY A 233 -11.51 9.43 -10.78
N GLU A 234 -10.30 9.38 -11.34
CA GLU A 234 -9.07 9.36 -10.56
C GLU A 234 -8.94 10.65 -9.76
N LEU A 235 -8.43 10.54 -8.53
CA LEU A 235 -8.32 11.71 -7.66
C LEU A 235 -7.22 12.65 -8.13
N PHE A 236 -6.22 12.13 -8.84
CA PHE A 236 -5.16 13.00 -9.35
C PHE A 236 -5.72 13.84 -10.50
N PHE A 237 -6.71 13.30 -11.21
CA PHE A 237 -7.36 14.03 -12.29
C PHE A 237 -8.18 15.19 -11.72
N HIS A 238 -8.86 14.94 -10.61
CA HIS A 238 -9.69 15.96 -9.98
C HIS A 238 -8.82 17.06 -9.35
N LEU A 239 -7.76 16.64 -8.66
CA LEU A 239 -6.86 17.59 -8.03
C LEU A 239 -6.12 18.43 -9.06
N SER A 240 -5.75 17.80 -10.17
CA SER A 240 -5.07 18.51 -11.26
C SER A 240 -5.99 19.54 -11.91
N ARG A 241 -7.27 19.18 -12.05
CA ARG A 241 -8.24 20.08 -12.66
C ARG A 241 -8.53 21.29 -11.79
N GLU A 242 -8.67 21.05 -10.49
CA GLU A 242 -9.02 22.11 -9.55
C GLU A 242 -7.79 22.66 -8.82
N ARG A 243 -6.61 22.26 -9.28
CA ARG A 243 -5.34 22.75 -8.76
C ARG A 243 -5.15 22.42 -7.26
N VAL A 244 -5.98 23.02 -6.41
CA VAL A 244 -5.87 22.80 -4.96
C VAL A 244 -7.25 22.57 -4.34
N PHE A 245 -7.33 21.60 -3.42
CA PHE A 245 -8.54 21.39 -2.64
C PHE A 245 -8.55 22.31 -1.42
N SER A 246 -9.73 22.75 -1.01
CA SER A 246 -9.86 23.53 0.22
C SER A 246 -9.62 22.64 1.43
N GLU A 247 -9.35 23.25 2.58
CA GLU A 247 -9.08 22.48 3.80
C GLU A 247 -10.29 21.63 4.20
N ASP A 248 -11.49 22.16 3.97
CA ASP A 248 -12.71 21.43 4.28
C ASP A 248 -12.84 20.17 3.42
N ARG A 249 -12.59 20.32 2.13
CA ARG A 249 -12.70 19.20 1.20
C ARG A 249 -11.63 18.16 1.47
N ALA A 250 -10.42 18.63 1.79
CA ALA A 250 -9.32 17.73 2.12
C ALA A 250 -9.60 17.02 3.45
N ARG A 251 -10.29 17.70 4.35
CA ARG A 251 -10.68 17.11 5.62
C ARG A 251 -11.63 15.95 5.38
N PHE A 252 -12.53 16.11 4.41
CA PHE A 252 -13.49 15.08 4.07
C PHE A 252 -12.81 13.83 3.52
N TYR A 253 -12.01 14.01 2.48
CA TYR A 253 -11.25 12.90 1.89
C TYR A 253 -10.31 12.29 2.91
N GLY A 254 -9.64 13.14 3.67
CA GLY A 254 -8.72 12.70 4.71
C GLY A 254 -9.41 11.86 5.77
N ALA A 255 -10.59 12.30 6.19
CA ALA A 255 -11.35 11.59 7.22
C ALA A 255 -11.71 10.19 6.77
N GLU A 256 -12.17 10.07 5.53
CA GLU A 256 -12.56 8.77 4.98
C GLU A 256 -11.36 7.84 4.84
N ILE A 257 -10.21 8.40 4.46
CA ILE A 257 -8.98 7.62 4.36
C ILE A 257 -8.55 7.09 5.72
N VAL A 258 -8.63 7.96 6.73
CA VAL A 258 -8.31 7.57 8.12
C VAL A 258 -9.19 6.41 8.57
N SER A 259 -10.48 6.51 8.28
CA SER A 259 -11.44 5.46 8.63
C SER A 259 -11.06 4.13 8.00
N ALA A 260 -10.65 4.16 6.75
CA ALA A 260 -10.26 2.94 6.03
C ALA A 260 -8.95 2.37 6.56
N LEU A 261 -8.00 3.25 6.87
CA LEU A 261 -6.71 2.82 7.41
C LEU A 261 -6.87 2.27 8.81
N ASP A 262 -7.80 2.84 9.57
CA ASP A 262 -8.11 2.38 10.92
C ASP A 262 -8.67 0.96 10.86
N TYR A 263 -9.47 0.69 9.83
CA TYR A 263 -10.07 -0.62 9.62
C TYR A 263 -9.01 -1.67 9.27
N LEU A 264 -8.11 -1.32 8.36
CA LEU A 264 -7.07 -2.24 7.92
C LEU A 264 -6.07 -2.56 9.03
N HIS A 265 -5.87 -1.62 9.93
CA HIS A 265 -4.88 -1.78 11.00
C HIS A 265 -5.42 -2.60 12.17
N SER A 266 -6.61 -2.27 12.64
CA SER A 266 -7.17 -2.90 13.82
C SER A 266 -7.90 -4.21 13.50
N GLU A 267 -8.69 -4.20 12.43
CA GLU A 267 -9.49 -5.37 12.06
C GLU A 267 -8.71 -6.39 11.24
N LYS A 268 -7.91 -5.90 10.30
CA LYS A 268 -7.19 -6.79 9.38
C LYS A 268 -5.73 -6.97 9.76
N ASN A 269 -5.24 -6.11 10.64
CA ASN A 269 -3.86 -6.16 11.10
C ASN A 269 -2.86 -6.12 9.96
N VAL A 270 -3.09 -5.24 8.99
CA VAL A 270 -2.21 -5.12 7.84
C VAL A 270 -1.91 -3.66 7.54
N VAL A 271 -0.72 -3.40 7.00
CA VAL A 271 -0.34 -2.06 6.56
C VAL A 271 -0.54 -1.95 5.05
N TYR A 272 -1.24 -0.90 4.63
CA TYR A 272 -1.51 -0.70 3.21
C TYR A 272 -0.25 -0.36 2.44
N ARG A 273 0.54 0.56 3.00
CA ARG A 273 1.89 0.86 2.51
C ARG A 273 1.95 1.52 1.12
N ASP A 274 0.86 1.49 0.36
CA ASP A 274 0.84 2.08 -0.97
C ASP A 274 0.01 3.36 -1.05
N LEU A 275 -0.25 3.98 0.08
CA LEU A 275 -1.12 5.16 0.09
C LEU A 275 -0.48 6.34 -0.65
N LYS A 276 -1.05 6.65 -1.81
CA LYS A 276 -0.61 7.78 -2.61
C LYS A 276 -1.78 8.27 -3.45
N LEU A 277 -1.61 9.42 -4.09
CA LEU A 277 -2.68 10.05 -4.85
C LEU A 277 -3.18 9.14 -5.98
N GLU A 278 -2.26 8.41 -6.61
CA GLU A 278 -2.59 7.54 -7.74
C GLU A 278 -3.50 6.38 -7.36
N ASN A 279 -3.51 6.01 -6.08
CA ASN A 279 -4.32 4.90 -5.62
C ASN A 279 -5.62 5.35 -4.94
N LEU A 280 -6.00 6.59 -5.21
CA LEU A 280 -7.25 7.13 -4.67
C LEU A 280 -8.22 7.46 -5.79
N MET A 281 -9.46 7.01 -5.64
CA MET A 281 -10.51 7.32 -6.61
C MET A 281 -11.77 7.76 -5.90
N LEU A 282 -12.69 8.36 -6.65
CA LEU A 282 -14.00 8.69 -6.13
C LEU A 282 -15.04 7.78 -6.78
N ASP A 283 -16.08 7.42 -6.04
CA ASP A 283 -17.19 6.69 -6.64
C ASP A 283 -18.15 7.67 -7.28
N LYS A 284 -19.32 7.18 -7.69
CA LYS A 284 -20.30 8.00 -8.38
C LYS A 284 -20.87 9.11 -7.49
N ASP A 285 -20.77 8.92 -6.17
CA ASP A 285 -21.35 9.86 -5.22
C ASP A 285 -20.31 10.84 -4.67
N GLY A 286 -19.04 10.58 -4.95
CA GLY A 286 -17.98 11.48 -4.53
C GLY A 286 -17.27 11.03 -3.27
N HIS A 287 -17.48 9.78 -2.87
CA HIS A 287 -16.79 9.22 -1.71
C HIS A 287 -15.48 8.54 -2.13
N ILE A 288 -14.51 8.54 -1.22
CA ILE A 288 -13.19 7.99 -1.49
C ILE A 288 -13.21 6.47 -1.63
N LYS A 289 -12.47 5.97 -2.62
CA LYS A 289 -12.20 4.54 -2.74
C LYS A 289 -10.69 4.31 -2.80
N ILE A 290 -10.16 3.59 -1.81
CA ILE A 290 -8.75 3.21 -1.84
C ILE A 290 -8.60 1.93 -2.66
N THR A 291 -7.74 1.96 -3.68
CA THR A 291 -7.70 0.90 -4.67
C THR A 291 -6.75 -0.24 -4.33
N ASP A 292 -7.08 -1.42 -4.87
CA ASP A 292 -6.22 -2.58 -4.77
C ASP A 292 -6.00 -3.15 -6.17
N PHE A 293 -5.29 -2.39 -7.00
CA PHE A 293 -5.07 -2.79 -8.40
C PHE A 293 -3.59 -3.06 -8.65
N GLY A 294 -2.81 -3.12 -7.58
CA GLY A 294 -1.37 -3.20 -7.70
C GLY A 294 -0.79 -4.59 -7.89
N LEU A 295 0.38 -4.63 -8.50
CA LEU A 295 1.13 -5.87 -8.65
C LEU A 295 2.62 -5.60 -8.50
N CYS A 296 3.35 -6.52 -7.89
CA CYS A 296 4.78 -6.38 -7.70
C CYS A 296 5.52 -6.48 -9.03
N LYS A 297 6.26 -5.43 -9.37
CA LYS A 297 7.04 -5.41 -10.61
C LYS A 297 8.52 -5.56 -10.33
N GLU A 298 9.30 -5.79 -11.38
CA GLU A 298 10.75 -5.72 -11.28
C GLU A 298 11.19 -4.31 -11.64
N GLY A 299 12.16 -3.78 -10.89
CA GLY A 299 12.61 -2.42 -11.08
C GLY A 299 13.19 -2.13 -12.45
N ILE A 300 13.24 -0.86 -12.81
CA ILE A 300 13.83 -0.44 -14.08
C ILE A 300 15.19 0.22 -13.84
N LYS A 301 16.17 -0.10 -14.68
CA LYS A 301 17.49 0.52 -14.58
C LYS A 301 17.42 2.01 -14.85
N THR A 305 22.04 7.65 -12.14
CA THR A 305 20.80 6.90 -12.32
C THR A 305 21.09 5.54 -12.95
N MET A 306 22.30 5.04 -12.78
CA MET A 306 22.70 3.76 -13.34
C MET A 306 22.17 2.57 -12.54
N LYS A 307 21.70 2.85 -11.32
CA LYS A 307 21.16 1.81 -10.46
C LYS A 307 19.75 1.41 -10.90
N THR A 308 19.19 0.41 -10.21
CA THR A 308 17.86 -0.09 -10.52
C THR A 308 16.85 0.30 -9.45
N PHE A 309 15.79 1.00 -9.84
CA PHE A 309 14.76 1.43 -8.92
C PHE A 309 13.40 0.86 -9.34
N CYS A 310 12.56 0.53 -8.36
CA CYS A 310 11.24 -0.01 -8.65
C CYS A 310 10.16 1.02 -8.33
N GLY A 311 9.70 1.74 -9.34
CA GLY A 311 8.67 2.75 -9.17
C GLY A 311 9.23 4.10 -8.78
N THR A 312 8.35 4.98 -8.33
CA THR A 312 8.76 6.33 -7.91
C THR A 312 8.72 6.43 -6.39
N PRO A 313 9.75 7.07 -5.80
CA PRO A 313 9.92 7.09 -4.34
C PRO A 313 9.22 8.26 -3.63
N GLU A 314 8.61 9.18 -4.38
CA GLU A 314 8.11 10.43 -3.81
C GLU A 314 7.09 10.25 -2.67
N TYR A 315 6.46 9.08 -2.60
CA TYR A 315 5.42 8.86 -1.60
C TYR A 315 5.87 7.91 -0.49
N LEU A 316 7.05 7.31 -0.68
CA LEU A 316 7.53 6.29 0.25
C LEU A 316 8.00 6.86 1.57
N ALA A 317 7.63 6.19 2.66
CA ALA A 317 8.07 6.57 3.99
C ALA A 317 9.56 6.34 4.12
N PRO A 318 10.26 7.18 4.90
CA PRO A 318 11.71 7.07 5.09
C PRO A 318 12.15 5.70 5.59
N GLU A 319 11.43 5.12 6.55
CA GLU A 319 11.79 3.81 7.08
C GLU A 319 11.61 2.72 6.03
N VAL A 320 10.74 2.97 5.05
CA VAL A 320 10.51 2.02 3.97
C VAL A 320 11.63 2.11 2.94
N LEU A 321 12.09 3.33 2.67
CA LEU A 321 13.20 3.56 1.75
C LEU A 321 14.49 2.90 2.24
N GLU A 322 14.73 2.99 3.54
CA GLU A 322 15.97 2.47 4.12
C GLU A 322 15.90 0.97 4.38
N ASP A 323 14.80 0.35 3.95
CA ASP A 323 14.56 -1.07 4.17
C ASP A 323 14.71 -1.45 5.63
N ASN A 324 14.18 -0.61 6.52
CA ASN A 324 14.21 -0.89 7.95
C ASN A 324 12.89 -1.48 8.41
N ASP A 325 12.79 -1.72 9.71
CA ASP A 325 11.54 -2.17 10.32
C ASP A 325 10.47 -1.10 10.15
N TYR A 326 9.30 -1.50 9.69
CA TYR A 326 8.20 -0.56 9.51
C TYR A 326 6.89 -1.13 10.04
N GLY A 327 5.95 -0.24 10.35
CA GLY A 327 4.67 -0.64 10.90
C GLY A 327 3.52 0.21 10.42
N ARG A 328 2.54 0.43 11.28
CA ARG A 328 1.33 1.17 10.94
C ARG A 328 1.61 2.64 10.62
N ALA A 329 2.73 3.15 11.12
CA ALA A 329 3.08 4.56 10.93
C ALA A 329 3.34 4.89 9.46
N VAL A 330 3.68 3.87 8.68
CA VAL A 330 3.93 4.05 7.25
C VAL A 330 2.71 4.63 6.52
N ASP A 331 1.54 4.11 6.84
CA ASP A 331 0.31 4.58 6.22
C ASP A 331 0.01 6.02 6.60
N TRP A 332 0.40 6.41 7.80
CA TRP A 332 0.16 7.76 8.27
C TRP A 332 1.08 8.76 7.56
N TRP A 333 2.26 8.30 7.18
CA TRP A 333 3.15 9.09 6.33
C TRP A 333 2.47 9.32 4.99
N GLY A 334 1.95 8.24 4.42
CA GLY A 334 1.23 8.30 3.16
C GLY A 334 0.06 9.25 3.24
N LEU A 335 -0.65 9.22 4.36
CA LEU A 335 -1.74 10.14 4.62
C LEU A 335 -1.25 11.59 4.58
N GLY A 336 -0.08 11.82 5.18
CA GLY A 336 0.52 13.13 5.18
C GLY A 336 0.84 13.62 3.78
N VAL A 337 1.42 12.74 2.98
CA VAL A 337 1.79 13.06 1.60
C VAL A 337 0.57 13.43 0.76
N VAL A 338 -0.47 12.61 0.87
CA VAL A 338 -1.70 12.84 0.14
C VAL A 338 -2.38 14.14 0.55
N MET A 339 -2.54 14.34 1.85
CA MET A 339 -3.22 15.52 2.36
C MET A 339 -2.39 16.78 2.17
N TYR A 340 -1.07 16.64 2.09
CA TYR A 340 -0.20 17.78 1.80
C TYR A 340 -0.46 18.27 0.38
N GLU A 341 -0.52 17.34 -0.56
CA GLU A 341 -0.70 17.69 -1.97
C GLU A 341 -2.09 18.26 -2.22
N MET A 342 -3.09 17.78 -1.49
CA MET A 342 -4.45 18.28 -1.66
C MET A 342 -4.59 19.74 -1.21
N MET A 343 -3.86 20.11 -0.17
CA MET A 343 -4.00 21.43 0.42
C MET A 343 -2.93 22.42 -0.03
N CYS A 344 -1.83 21.90 -0.59
CA CYS A 344 -0.73 22.75 -1.02
C CYS A 344 -0.61 22.80 -2.54
N GLY A 345 -1.15 21.79 -3.21
CA GLY A 345 -1.15 21.75 -4.66
C GLY A 345 0.11 21.19 -5.28
N ARG A 346 0.93 20.53 -4.46
CA ARG A 346 2.16 19.90 -4.94
C ARG A 346 2.67 18.87 -3.96
N LEU A 347 3.58 18.02 -4.42
CA LEU A 347 4.20 17.01 -3.57
C LEU A 347 5.06 17.66 -2.49
N PRO A 348 5.12 17.03 -1.31
CA PRO A 348 5.96 17.54 -0.21
C PRO A 348 7.45 17.57 -0.56
N PHE A 349 7.93 16.51 -1.20
CA PHE A 349 9.33 16.44 -1.61
C PHE A 349 9.43 16.08 -3.09
N TYR A 350 10.10 16.91 -3.86
CA TYR A 350 10.18 16.68 -5.30
C TYR A 350 11.50 17.14 -5.93
N ASN A 351 12.11 16.24 -6.68
CA ASN A 351 13.31 16.53 -7.45
C ASN A 351 13.59 15.41 -8.46
N GLN A 352 14.49 15.65 -9.39
CA GLN A 352 14.76 14.68 -10.46
C GLN A 352 15.72 13.58 -10.01
N ASP A 353 16.85 13.96 -9.44
CA ASP A 353 17.83 13.00 -8.98
C ASP A 353 17.27 12.14 -7.85
N HIS A 354 17.33 10.82 -8.02
CA HIS A 354 16.85 9.89 -7.01
C HIS A 354 17.64 10.03 -5.71
N GLU A 355 18.93 10.32 -5.84
CA GLU A 355 19.76 10.59 -4.68
C GLU A 355 19.27 11.85 -3.97
N LYS A 356 18.97 12.89 -4.75
CA LYS A 356 18.42 14.12 -4.22
C LYS A 356 17.06 13.87 -3.58
N LEU A 357 16.21 13.14 -4.30
CA LEU A 357 14.86 12.85 -3.83
C LEU A 357 14.89 12.06 -2.53
N PHE A 358 15.83 11.12 -2.42
CA PHE A 358 16.01 10.35 -1.20
C PHE A 358 16.40 11.26 -0.04
N GLU A 359 17.36 12.14 -0.29
CA GLU A 359 17.83 13.06 0.75
C GLU A 359 16.71 13.98 1.22
N LEU A 360 15.89 14.45 0.30
CA LEU A 360 14.76 15.31 0.65
C LEU A 360 13.78 14.59 1.56
N ILE A 361 13.53 13.31 1.26
CA ILE A 361 12.62 12.51 2.05
C ILE A 361 13.24 12.11 3.38
N LEU A 362 14.52 11.75 3.36
CA LEU A 362 15.21 11.26 4.54
C LEU A 362 15.66 12.37 5.48
N MET A 363 16.01 13.53 4.93
CA MET A 363 16.67 14.57 5.72
C MET A 363 15.95 15.92 5.74
N GLU A 364 15.47 16.37 4.59
CA GLU A 364 14.88 17.71 4.48
C GLU A 364 13.55 17.85 5.20
N GLU A 365 13.48 18.82 6.11
CA GLU A 365 12.26 19.11 6.84
C GLU A 365 11.18 19.64 5.91
N ILE A 366 9.95 19.20 6.13
CA ILE A 366 8.82 19.63 5.30
C ILE A 366 8.51 21.10 5.54
N ARG A 367 8.23 21.82 4.47
CA ARG A 367 7.90 23.24 4.56
C ARG A 367 6.48 23.49 4.05
N PHE A 368 5.86 24.57 4.54
CA PHE A 368 4.45 24.83 4.25
C PHE A 368 4.24 26.22 3.63
N PRO A 369 3.20 26.36 2.79
CA PRO A 369 2.81 27.66 2.26
C PRO A 369 2.28 28.59 3.35
N ARG A 370 2.29 29.89 3.09
CA ARG A 370 1.82 30.87 4.06
C ARG A 370 0.29 30.86 4.15
N THR A 371 -0.35 30.30 3.13
CA THR A 371 -1.80 30.28 3.06
C THR A 371 -2.40 29.13 3.85
N LEU A 372 -1.53 28.28 4.40
CA LEU A 372 -1.98 27.11 5.15
C LEU A 372 -2.22 27.44 6.62
N GLY A 373 -3.36 27.00 7.14
CA GLY A 373 -3.72 27.27 8.53
C GLY A 373 -2.92 26.44 9.52
N PRO A 374 -2.87 26.89 10.77
CA PRO A 374 -2.09 26.25 11.84
C PRO A 374 -2.56 24.82 12.15
N GLU A 375 -3.86 24.58 12.05
CA GLU A 375 -4.41 23.25 12.28
C GLU A 375 -3.87 22.26 11.26
N ALA A 376 -3.91 22.65 9.99
CA ALA A 376 -3.41 21.83 8.91
C ALA A 376 -1.91 21.63 9.03
N LYS A 377 -1.19 22.69 9.41
CA LYS A 377 0.25 22.63 9.57
C LYS A 377 0.63 21.67 10.68
N SER A 378 -0.15 21.67 11.77
CA SER A 378 0.10 20.77 12.88
C SER A 378 -0.10 19.31 12.46
N LEU A 379 -1.16 19.07 11.72
CA LEU A 379 -1.47 17.72 11.25
C LEU A 379 -0.40 17.18 10.31
N LEU A 380 -0.07 17.97 9.30
CA LEU A 380 0.93 17.57 8.31
C LEU A 380 2.31 17.39 8.93
N SER A 381 2.66 18.27 9.88
CA SER A 381 3.93 18.17 10.57
C SER A 381 4.03 16.87 11.37
N GLY A 382 2.94 16.51 12.02
CA GLY A 382 2.88 15.28 12.78
C GLY A 382 2.92 14.05 11.89
N LEU A 383 2.17 14.10 10.80
CA LEU A 383 2.09 12.97 9.87
C LEU A 383 3.38 12.75 9.10
N LEU A 384 4.14 13.82 8.90
CA LEU A 384 5.36 13.73 8.10
C LEU A 384 6.63 13.77 8.93
N LYS A 385 6.52 13.35 10.19
CA LYS A 385 7.70 13.15 11.03
C LYS A 385 8.52 11.99 10.46
N LYS A 386 9.83 12.20 10.32
CA LYS A 386 10.68 11.20 9.69
C LYS A 386 10.89 9.99 10.58
N ASP A 387 10.82 10.19 11.89
CA ASP A 387 10.90 9.09 12.84
C ASP A 387 9.49 8.59 13.17
N PRO A 388 9.18 7.35 12.73
CA PRO A 388 7.85 6.77 12.92
C PRO A 388 7.42 6.67 14.38
N LYS A 389 8.40 6.61 15.29
CA LYS A 389 8.10 6.54 16.71
C LYS A 389 7.61 7.89 17.24
N GLN A 390 7.93 8.95 16.51
CA GLN A 390 7.51 10.29 16.89
C GLN A 390 6.42 10.81 15.96
N ARG A 391 6.07 10.01 14.96
CA ARG A 391 5.08 10.38 13.97
C ARG A 391 3.67 10.30 14.53
N LEU A 392 2.81 11.23 14.10
CA LEU A 392 1.42 11.26 14.52
C LEU A 392 0.70 9.98 14.10
N GLY A 393 0.18 9.25 15.08
CA GLY A 393 -0.50 8.00 14.80
C GLY A 393 0.45 6.82 14.87
N GLY A 394 1.71 7.09 15.21
CA GLY A 394 2.73 6.07 15.30
C GLY A 394 2.76 5.39 16.66
N GLY A 395 1.93 5.88 17.58
CA GLY A 395 1.84 5.31 18.91
C GLY A 395 0.93 4.10 18.96
N SER A 396 0.64 3.63 20.16
CA SER A 396 -0.20 2.45 20.35
C SER A 396 -1.67 2.75 20.04
N GLU A 397 -2.03 4.01 20.11
CA GLU A 397 -3.41 4.43 19.83
C GLU A 397 -3.71 4.44 18.33
N ASP A 398 -2.65 4.45 17.53
CA ASP A 398 -2.75 4.42 16.06
C ASP A 398 -3.64 5.54 15.53
N ALA A 399 -4.74 5.16 14.88
CA ALA A 399 -5.60 6.11 14.19
C ALA A 399 -6.31 7.08 15.15
N LYS A 400 -6.50 6.64 16.39
CA LYS A 400 -7.17 7.47 17.39
C LYS A 400 -6.36 8.72 17.68
N GLU A 401 -5.05 8.61 17.51
CA GLU A 401 -4.14 9.73 17.70
C GLU A 401 -4.42 10.82 16.66
N ILE A 402 -4.94 10.39 15.50
CA ILE A 402 -5.21 11.31 14.39
C ILE A 402 -6.66 11.79 14.41
N MET A 403 -7.57 10.88 14.75
CA MET A 403 -8.99 11.23 14.83
C MET A 403 -9.25 12.28 15.92
N GLN A 404 -8.40 12.28 16.94
CA GLN A 404 -8.54 13.21 18.05
C GLN A 404 -7.75 14.50 17.83
N HIS A 405 -7.05 14.58 16.70
CA HIS A 405 -6.30 15.79 16.36
C HIS A 405 -7.27 16.93 16.06
N ARG A 406 -6.86 18.15 16.39
CA ARG A 406 -7.74 19.31 16.30
C ARG A 406 -8.13 19.67 14.86
N PHE A 407 -7.42 19.11 13.88
CA PHE A 407 -7.76 19.35 12.49
C PHE A 407 -9.06 18.66 12.13
N PHE A 408 -9.36 17.56 12.83
CA PHE A 408 -10.60 16.83 12.61
C PHE A 408 -11.61 17.12 13.71
N ALA A 409 -11.53 18.31 14.29
CA ALA A 409 -12.46 18.73 15.32
C ALA A 409 -13.86 18.91 14.73
N GLY A 410 -14.86 18.35 15.40
CA GLY A 410 -16.23 18.45 14.93
C GLY A 410 -16.64 17.25 14.09
N ILE A 411 -15.65 16.54 13.56
CA ILE A 411 -15.91 15.37 12.74
C ILE A 411 -16.39 14.19 13.58
N VAL A 412 -17.60 13.73 13.28
CA VAL A 412 -18.16 12.56 13.95
C VAL A 412 -17.78 11.31 13.16
N TRP A 413 -16.90 10.50 13.74
CA TRP A 413 -16.27 9.40 13.01
C TRP A 413 -17.20 8.22 12.77
N GLN A 414 -18.30 8.14 13.51
CA GLN A 414 -19.32 7.13 13.24
C GLN A 414 -20.10 7.52 12.00
N HIS A 415 -20.31 8.83 11.84
CA HIS A 415 -20.99 9.36 10.66
C HIS A 415 -20.12 9.19 9.42
N VAL A 416 -18.80 9.23 9.62
CA VAL A 416 -17.85 9.06 8.53
C VAL A 416 -17.92 7.67 7.93
N TYR A 417 -17.88 6.66 8.80
CA TYR A 417 -17.95 5.26 8.36
C TYR A 417 -19.30 4.94 7.71
N GLU A 418 -20.35 5.58 8.19
CA GLU A 418 -21.70 5.33 7.68
C GLU A 418 -22.06 6.28 6.55
N LYS A 419 -21.06 7.02 6.06
CA LYS A 419 -21.20 7.92 4.92
C LYS A 419 -22.34 8.94 5.10
N LYS A 420 -22.52 9.43 6.32
CA LYS A 420 -23.53 10.45 6.58
C LYS A 420 -23.04 11.82 6.15
N LEU A 421 -21.73 11.96 6.03
CA LEU A 421 -21.11 13.21 5.59
C LEU A 421 -21.38 13.45 4.10
N SER A 422 -21.92 14.63 3.79
CA SER A 422 -22.21 14.99 2.40
C SER A 422 -20.92 15.31 1.64
N PRO A 423 -20.68 14.60 0.54
CA PRO A 423 -19.50 14.86 -0.30
C PRO A 423 -19.53 16.27 -0.89
N PRO A 424 -18.47 17.05 -0.66
CA PRO A 424 -18.38 18.43 -1.14
C PRO A 424 -18.32 18.52 -2.66
N PHE A 425 -17.94 17.42 -3.32
CA PHE A 425 -17.86 17.38 -4.77
C PHE A 425 -18.63 16.20 -5.35
N LYS A 426 -19.47 16.46 -6.33
CA LYS A 426 -20.25 15.42 -6.99
C LYS A 426 -19.79 15.23 -8.42
N PRO A 427 -19.16 14.07 -8.71
CA PRO A 427 -18.66 13.73 -10.05
C PRO A 427 -19.79 13.75 -11.10
N GLN A 428 -19.46 14.16 -12.32
CA GLN A 428 -20.48 14.28 -13.37
C GLN A 428 -20.91 12.93 -13.96
N VAL A 429 -21.45 12.05 -13.12
CA VAL A 429 -21.93 10.77 -13.61
C VAL A 429 -23.37 10.50 -13.18
N THR A 430 -24.12 9.83 -14.03
CA THR A 430 -25.52 9.53 -13.76
C THR A 430 -25.66 8.27 -12.92
N SER A 431 -24.78 7.30 -13.15
CA SER A 431 -24.81 6.03 -12.43
C SER A 431 -23.42 5.40 -12.36
N GLU A 432 -23.38 4.14 -11.95
CA GLU A 432 -22.12 3.41 -11.87
C GLU A 432 -21.68 2.90 -13.23
N THR A 433 -22.52 3.08 -14.24
CA THR A 433 -22.20 2.60 -15.58
C THR A 433 -21.82 3.76 -16.51
N ASP A 434 -22.00 4.98 -16.03
CA ASP A 434 -21.62 6.17 -16.79
C ASP A 434 -20.11 6.12 -17.08
N THR A 435 -19.75 6.35 -18.35
CA THR A 435 -18.38 6.17 -18.80
C THR A 435 -17.65 7.48 -19.06
N ARG A 436 -18.10 8.55 -18.42
CA ARG A 436 -17.55 9.89 -18.66
C ARG A 436 -16.05 9.97 -18.34
N TYR A 437 -15.64 9.34 -17.24
CA TYR A 437 -14.24 9.37 -16.84
C TYR A 437 -13.46 8.23 -17.49
N PHE A 438 -13.98 7.75 -18.60
CA PHE A 438 -13.31 6.74 -19.41
C PHE A 438 -13.24 7.21 -20.86
N ASP A 439 -13.73 8.42 -21.11
CA ASP A 439 -13.80 8.97 -22.47
C ASP A 439 -12.63 9.89 -22.77
N GLU A 440 -12.73 10.60 -23.89
CA GLU A 440 -11.66 11.47 -24.37
C GLU A 440 -11.47 12.69 -23.46
N GLU A 441 -12.50 13.01 -22.68
CA GLU A 441 -12.45 14.14 -21.75
C GLU A 441 -11.31 14.00 -20.74
N PHE A 442 -10.96 12.76 -20.42
CA PHE A 442 -9.89 12.46 -19.48
C PHE A 442 -8.56 13.12 -19.88
N THR A 443 -8.44 13.46 -21.16
CA THR A 443 -7.27 14.18 -21.67
C THR A 443 -7.30 15.64 -21.26
N ALA A 444 -8.51 16.20 -21.13
CA ALA A 444 -8.66 17.60 -20.75
C ALA A 444 -8.31 17.81 -19.28
CAK G4T B . -6.81 -2.61 0.92
CAH G4T B . -7.26 -1.53 0.17
CAG G4T B . -8.29 -1.70 -0.75
CAI G4T B . -8.87 -2.96 -0.91
CAL G4T B . -8.42 -4.04 -0.16
CBK G4T B . -7.39 -3.88 0.75
CBN G4T B . -6.96 -4.97 1.50
CAU G4T B . -7.94 -5.68 2.18
CBR G4T B . -7.60 -6.77 2.96
CBP G4T B . -8.55 -7.49 3.66
OAD G4T B . -9.74 -7.17 3.61
NBE G4T B . -8.16 -8.60 4.44
CAJ G4T B . -6.90 -8.96 4.50
CAS G4T B . -5.92 -8.26 3.81
CBQ G4T B . -6.26 -7.16 3.03
NBA G4T B . -5.33 -6.47 2.36
CBO G4T B . -5.62 -5.40 1.61
CBL G4T B . -4.55 -4.79 0.95
CAR G4T B . -4.56 -4.62 -0.43
CAN G4T B . -3.47 -4.02 -1.07
CAQ G4T B . -3.42 -4.41 1.68
CAM G4T B . -2.34 -3.82 1.04
CBH G4T B . -2.36 -3.63 -0.34
CAZ G4T B . -1.29 -3.04 -1.01
NBT G4T B . 0.00 -3.59 -0.57
CAY G4T B . 0.21 -4.95 -1.12
CAW G4T B . 1.56 -5.52 -0.69
CAX G4T B . 1.06 -2.71 -1.07
CAV G4T B . 2.44 -3.20 -0.64
CBS G4T B . 2.65 -4.60 -1.19
NBD G4T B . 3.97 -5.05 -0.71
CBG G4T B . 5.03 -5.14 -1.52
OAC G4T B . 4.94 -4.88 -2.72
NBB G4T B . 6.19 -5.55 -0.95
CBJ G4T B . 7.29 -5.68 -1.70
CAT G4T B . 7.77 -4.63 -2.48
CAP G4T B . 8.01 -6.87 -1.64
CAO G4T B . 9.17 -7.03 -2.38
CBI G4T B . 9.64 -5.99 -3.18
CL G4T B . 11.08 -6.19 -4.11
CBM G4T B . 8.92 -4.80 -3.23
NBC G4T B . 9.41 -3.84 -4.01
CBF G4T B . 8.69 -3.45 -5.08
OAB G4T B . 7.60 -3.93 -5.40
CAF G4T B . 9.34 -2.34 -5.91
CAA G4T B . 8.54 -1.87 -7.14
#